data_3UXD
#
_entry.id   3UXD
#
_cell.length_a   62.127
_cell.length_b   62.127
_cell.length_c   120.128
_cell.angle_alpha   90.00
_cell.angle_beta   90.00
_cell.angle_gamma   120.00
#
_symmetry.space_group_name_H-M   'P 31'
#
loop_
_entity.id
_entity.type
_entity.pdbx_description
1 polymer 'Kemp eliminase KE59 R1 7/10H'
2 non-polymer 5,7-dichloro-1H-benzotriazole
3 non-polymer 'PHOSPHATE ION'
4 water water
#
_entity_poly.entity_id   1
_entity_poly.type   'polypeptide(L)'
_entity_poly.pdbx_seq_one_letter_code
;MPRYLKGALKDVVQLSLRRPSLRASRQRPIISLRERILEFNKRNITAIIAVYKRKSPSGLDVERDPIEYAKFMERYAVGL
VILTEEKYFNGSYEDLRKIASSVSIPILMWDFIVKESQIDDAYNLGADTVGLIVKILTERELESLLEYARSYGMEPAIVI
NDEEDLDIALRIGARIIIISSRDLETLEINKENQRKLISMIPSNVVKVAASGISERNEIEELRKLGVNAFEIGSSLMRNP
EKIKELILGSLE
;
_entity_poly.pdbx_strand_id   A,B
#
# COMPACT_ATOMS: atom_id res chain seq x y z
N PRO A 2 -19.43 17.47 10.09
CA PRO A 2 -18.33 16.47 10.10
C PRO A 2 -17.29 16.83 11.20
N ARG A 3 -16.39 15.91 11.54
CA ARG A 3 -15.26 16.19 12.47
C ARG A 3 -14.32 17.25 11.90
N TYR A 4 -13.36 17.75 12.69
CA TYR A 4 -12.31 18.65 12.18
C TYR A 4 -11.33 17.83 11.34
N LEU A 5 -11.22 18.15 10.05
CA LEU A 5 -10.41 17.34 9.09
C LEU A 5 -9.40 18.25 8.39
N LYS A 6 -8.49 17.66 7.62
CA LYS A 6 -7.48 18.41 6.84
C LYS A 6 -7.21 17.48 5.64
N GLY A 7 -6.49 18.03 4.66
CA GLY A 7 -6.06 17.29 3.48
C GLY A 7 -7.18 16.72 2.65
N ALA A 8 -6.91 15.54 2.07
CA ALA A 8 -7.87 14.96 1.15
C ALA A 8 -9.16 14.58 1.87
N LEU A 9 -9.12 14.16 3.14
CA LEU A 9 -10.40 13.87 3.80
C LEU A 9 -11.25 15.11 3.94
N LYS A 10 -10.63 16.25 4.24
CA LYS A 10 -11.41 17.49 4.28
C LYS A 10 -12.02 17.79 2.91
N ASP A 11 -11.26 17.52 1.87
CA ASP A 11 -11.68 17.77 0.50
C ASP A 11 -12.86 16.86 0.04
N VAL A 12 -12.74 15.65 0.38
CA VAL A 12 -13.77 14.73 -0.04
C VAL A 12 -15.06 15.02 0.69
N VAL A 13 -14.92 15.41 1.94
CA VAL A 13 -16.11 15.75 2.72
C VAL A 13 -16.80 17.01 2.16
N GLN A 14 -16.04 18.04 1.85
CA GLN A 14 -16.61 19.23 1.28
C GLN A 14 -17.31 18.88 -0.08
N LEU A 15 -16.68 18.07 -0.89
CA LEU A 15 -17.27 17.67 -2.18
C LEU A 15 -18.54 16.82 -1.93
N SER A 16 -18.54 16.01 -0.87
CA SER A 16 -19.72 15.20 -0.59
C SER A 16 -20.89 16.05 -0.14
N LEU A 17 -20.58 17.12 0.50
CA LEU A 17 -21.65 17.97 0.98
C LEU A 17 -22.37 18.59 -0.19
N ARG A 18 -21.66 18.78 -1.30
CA ARG A 18 -22.28 19.43 -2.46
C ARG A 18 -22.82 18.35 -3.41
N ARG A 19 -22.85 17.08 -3.01
CA ARG A 19 -23.11 16.00 -4.05
C ARG A 19 -24.59 16.11 -4.51
N PRO A 20 -24.85 16.27 -5.84
CA PRO A 20 -26.29 16.47 -6.18
C PRO A 20 -27.07 15.24 -5.90
N SER A 21 -28.28 15.37 -5.36
CA SER A 21 -29.13 14.23 -5.07
C SER A 21 -29.87 13.86 -6.33
N LEU A 22 -30.35 12.62 -6.39
CA LEU A 22 -31.17 12.25 -7.57
C LEU A 22 -32.61 11.77 -7.26
N ARG A 23 -33.36 11.51 -8.34
CA ARG A 23 -34.74 11.04 -8.20
C ARG A 23 -34.84 9.74 -8.94
N ALA A 24 -35.24 8.68 -8.23
CA ALA A 24 -35.47 7.34 -8.87
C ALA A 24 -36.40 6.53 -7.98
N SER A 25 -37.02 5.48 -8.54
CA SER A 25 -37.90 4.65 -7.77
C SER A 25 -37.19 3.37 -7.49
N ARG A 26 -36.99 3.07 -6.21
CA ARG A 26 -36.47 1.78 -5.90
C ARG A 26 -37.47 0.69 -6.33
N GLN A 27 -36.90 -0.35 -6.89
CA GLN A 27 -37.71 -1.47 -7.34
C GLN A 27 -36.89 -2.69 -7.00
N ARG A 28 -36.74 -2.90 -5.69
CA ARG A 28 -35.89 -3.93 -5.11
C ARG A 28 -36.24 -3.96 -3.61
N PRO A 29 -36.43 -5.14 -3.03
CA PRO A 29 -36.48 -5.24 -1.56
C PRO A 29 -35.16 -4.78 -0.92
N ILE A 30 -35.16 -4.52 0.37
CA ILE A 30 -33.87 -4.45 1.05
C ILE A 30 -33.50 -5.93 1.23
N ILE A 31 -32.35 -6.34 0.72
CA ILE A 31 -31.85 -7.69 1.03
C ILE A 31 -30.64 -7.50 1.97
N SER A 32 -30.74 -8.02 3.19
CA SER A 32 -29.71 -7.78 4.22
C SER A 32 -28.34 -8.45 3.96
N LEU A 33 -27.29 -7.63 3.87
CA LEU A 33 -25.90 -8.08 3.86
C LEU A 33 -25.59 -8.78 5.18
N ARG A 34 -25.96 -8.14 6.28
CA ARG A 34 -25.69 -8.70 7.62
C ARG A 34 -26.25 -10.12 7.79
N GLU A 35 -27.53 -10.28 7.41
CA GLU A 35 -28.17 -11.57 7.53
C GLU A 35 -27.54 -12.61 6.61
N ARG A 36 -27.13 -12.26 5.38
CA ARG A 36 -26.54 -13.25 4.46
C ARG A 36 -25.16 -13.68 4.95
N ILE A 37 -24.39 -12.74 5.52
CA ILE A 37 -23.15 -13.09 6.16
C ILE A 37 -23.38 -14.14 7.27
N LEU A 38 -24.34 -13.89 8.17
CA LEU A 38 -24.63 -14.87 9.26
C LEU A 38 -25.02 -16.22 8.70
N GLU A 39 -25.76 -16.21 7.61
CA GLU A 39 -26.21 -17.44 6.98
C GLU A 39 -25.01 -18.19 6.39
N PHE A 40 -24.10 -17.48 5.73
CA PHE A 40 -22.91 -18.09 5.18
C PHE A 40 -22.10 -18.70 6.34
N ASN A 41 -22.02 -17.98 7.47
CA ASN A 41 -21.30 -18.52 8.63
C ASN A 41 -21.93 -19.81 9.09
N LYS A 42 -23.27 -19.84 9.17
CA LYS A 42 -24.03 -21.04 9.61
C LYS A 42 -23.73 -22.22 8.69
N ARG A 43 -23.56 -21.93 7.41
CA ARG A 43 -23.37 -22.98 6.38
C ARG A 43 -21.90 -23.35 6.17
N ASN A 44 -21.01 -22.73 6.95
CA ASN A 44 -19.56 -22.90 6.83
C ASN A 44 -19.04 -22.62 5.44
N ILE A 45 -19.53 -21.54 4.83
CA ILE A 45 -19.00 -21.14 3.53
C ILE A 45 -18.41 -19.72 3.64
N THR A 46 -17.18 -19.57 3.16
CA THR A 46 -16.45 -18.29 3.23
C THR A 46 -17.22 -17.14 2.54
N ALA A 47 -17.36 -16.05 3.31
CA ALA A 47 -18.11 -14.88 2.93
C ALA A 47 -17.20 -13.72 2.54
N ILE A 48 -17.04 -13.55 1.23
CA ILE A 48 -16.21 -12.51 0.70
C ILE A 48 -17.06 -11.42 0.10
N ILE A 49 -16.82 -10.18 0.53
CA ILE A 49 -17.47 -9.01 -0.06
C ILE A 49 -16.52 -8.39 -1.10
N ALA A 50 -16.86 -8.49 -2.38
CA ALA A 50 -16.03 -7.98 -3.46
C ALA A 50 -16.32 -6.49 -3.65
N VAL A 51 -15.28 -5.68 -3.80
CA VAL A 51 -15.44 -4.25 -4.04
C VAL A 51 -15.26 -3.94 -5.53
N TYR A 52 -16.12 -3.07 -6.05
CA TYR A 52 -15.95 -2.51 -7.35
C TYR A 52 -15.44 -1.09 -7.18
N LYS A 53 -14.25 -0.87 -7.70
CA LYS A 53 -13.68 0.48 -7.68
C LYS A 53 -12.68 0.66 -8.77
N ARG A 54 -12.89 1.69 -9.58
CA ARG A 54 -12.00 2.01 -10.72
C ARG A 54 -10.65 2.62 -10.36
N LYS A 55 -10.63 3.38 -9.26
CA LYS A 55 -9.49 4.20 -8.86
C LYS A 55 -9.50 4.24 -7.32
N SER A 56 -8.30 4.41 -6.76
CA SER A 56 -8.24 4.59 -5.31
C SER A 56 -6.89 5.16 -4.98
N PRO A 57 -6.77 5.71 -3.74
CA PRO A 57 -5.46 6.25 -3.35
C PRO A 57 -4.43 5.12 -3.18
N SER A 58 -4.88 3.88 -3.18
CA SER A 58 -4.00 2.74 -2.88
C SER A 58 -3.91 1.75 -4.05
N GLY A 59 -3.93 2.27 -5.27
CA GLY A 59 -3.89 1.38 -6.45
C GLY A 59 -3.88 2.17 -7.73
N LEU A 60 -3.50 1.50 -8.80
CA LEU A 60 -3.61 2.01 -10.13
C LEU A 60 -5.04 1.83 -10.69
N ASP A 61 -5.40 2.68 -11.66
CA ASP A 61 -6.73 2.73 -12.20
C ASP A 61 -7.04 1.40 -12.94
N VAL A 62 -8.25 0.91 -12.80
CA VAL A 62 -8.64 -0.29 -13.56
C VAL A 62 -9.94 0.08 -14.24
N GLU A 63 -9.95 0.05 -15.57
CA GLU A 63 -11.20 0.23 -16.28
C GLU A 63 -11.78 -1.15 -16.67
N ARG A 64 -12.95 -1.51 -16.14
CA ARG A 64 -13.61 -2.77 -16.44
C ARG A 64 -15.13 -2.60 -16.35
N ASP A 65 -15.89 -3.45 -17.04
CA ASP A 65 -17.35 -3.26 -17.02
C ASP A 65 -17.96 -3.64 -15.71
N PRO A 66 -18.79 -2.72 -15.16
CA PRO A 66 -19.37 -2.93 -13.81
C PRO A 66 -20.39 -4.04 -13.82
N ILE A 67 -21.22 -4.12 -14.86
CA ILE A 67 -22.22 -5.18 -14.93
C ILE A 67 -21.54 -6.56 -15.06
N GLU A 68 -20.57 -6.66 -15.97
CA GLU A 68 -19.87 -7.91 -16.16
C GLU A 68 -19.25 -8.36 -14.83
N TYR A 69 -18.67 -7.41 -14.12
CA TYR A 69 -18.05 -7.68 -12.82
C TYR A 69 -19.07 -8.20 -11.84
N ALA A 70 -20.13 -7.45 -11.64
CA ALA A 70 -21.16 -7.79 -10.67
C ALA A 70 -21.81 -9.14 -10.98
N LYS A 71 -22.00 -9.43 -12.26
CA LYS A 71 -22.70 -10.66 -12.61
C LYS A 71 -21.78 -11.83 -12.38
N PHE A 72 -20.47 -11.64 -12.57
CA PHE A 72 -19.55 -12.70 -12.27
C PHE A 72 -19.56 -12.93 -10.75
N MET A 73 -19.47 -11.82 -9.99
CA MET A 73 -19.41 -11.95 -8.53
C MET A 73 -20.68 -12.48 -7.88
N GLU A 74 -21.82 -12.30 -8.55
CA GLU A 74 -23.13 -12.81 -8.06
C GLU A 74 -23.09 -14.26 -7.65
N ARG A 75 -22.28 -15.09 -8.35
CA ARG A 75 -22.16 -16.51 -8.10
C ARG A 75 -21.31 -16.94 -6.91
N TYR A 76 -20.47 -16.04 -6.40
CA TYR A 76 -19.36 -16.39 -5.50
C TYR A 76 -19.30 -15.55 -4.25
N ALA A 77 -19.58 -14.25 -4.39
CA ALA A 77 -19.42 -13.28 -3.27
C ALA A 77 -20.64 -13.26 -2.40
N VAL A 78 -20.47 -12.92 -1.10
CA VAL A 78 -21.57 -12.84 -0.16
C VAL A 78 -22.30 -11.51 -0.41
N GLY A 79 -21.61 -10.53 -0.94
CA GLY A 79 -22.21 -9.25 -1.24
C GLY A 79 -21.20 -8.41 -2.03
N LEU A 80 -21.63 -7.23 -2.45
CA LEU A 80 -20.78 -6.34 -3.24
C LEU A 80 -20.72 -5.00 -2.62
N VAL A 81 -19.55 -4.35 -2.68
CA VAL A 81 -19.47 -2.96 -2.31
C VAL A 81 -19.19 -2.15 -3.57
N ILE A 82 -19.95 -1.08 -3.80
CA ILE A 82 -19.76 -0.32 -4.99
C ILE A 82 -19.36 1.07 -4.63
N LEU A 83 -18.20 1.53 -5.12
CA LEU A 83 -17.73 2.92 -4.88
C LEU A 83 -18.62 3.87 -5.65
N THR A 84 -19.17 4.87 -4.97
CA THR A 84 -19.86 5.89 -5.73
C THR A 84 -19.16 7.24 -5.54
N GLU A 85 -18.03 7.27 -4.85
CA GLU A 85 -17.32 8.55 -4.71
C GLU A 85 -16.57 8.81 -6.01
N GLU A 86 -16.65 10.03 -6.52
CA GLU A 86 -16.20 10.30 -7.89
C GLU A 86 -14.74 10.79 -8.07
N LYS A 87 -14.30 11.69 -7.20
CA LYS A 87 -13.01 12.38 -7.39
C LYS A 87 -11.82 11.46 -7.18
N TYR A 88 -11.88 10.68 -6.12
CA TYR A 88 -10.72 9.90 -5.67
C TYR A 88 -10.86 8.41 -6.04
N PHE A 89 -12.12 7.97 -6.36
CA PHE A 89 -12.34 6.56 -6.64
C PHE A 89 -12.93 6.36 -8.00
N ASN A 90 -13.26 7.47 -8.67
CA ASN A 90 -13.86 7.41 -10.03
C ASN A 90 -15.15 6.52 -10.13
N GLY A 91 -15.85 6.42 -9.01
CA GLY A 91 -17.17 5.83 -8.91
C GLY A 91 -18.22 6.77 -9.47
N SER A 92 -19.44 6.23 -9.62
CA SER A 92 -20.59 7.04 -9.96
C SER A 92 -21.86 6.34 -9.46
N TYR A 93 -22.92 7.13 -9.24
CA TYR A 93 -24.20 6.53 -8.93
C TYR A 93 -24.70 5.68 -10.10
N GLU A 94 -24.21 5.96 -11.32
CA GLU A 94 -24.60 5.13 -12.48
C GLU A 94 -24.12 3.69 -12.36
N ASP A 95 -22.90 3.47 -11.83
CA ASP A 95 -22.40 2.15 -11.56
C ASP A 95 -23.35 1.40 -10.62
N LEU A 96 -23.72 2.06 -9.52
CA LEU A 96 -24.66 1.47 -8.55
C LEU A 96 -26.04 1.08 -9.18
N ARG A 97 -26.62 2.00 -9.94
CA ARG A 97 -27.93 1.80 -10.55
C ARG A 97 -27.84 0.58 -11.43
N LYS A 98 -26.82 0.54 -12.28
CA LYS A 98 -26.70 -0.54 -13.27
C LYS A 98 -26.52 -1.88 -12.58
N ILE A 99 -25.62 -1.91 -11.57
CA ILE A 99 -25.34 -3.16 -10.83
C ILE A 99 -26.58 -3.65 -10.06
N ALA A 100 -27.25 -2.75 -9.31
CA ALA A 100 -28.44 -3.10 -8.55
C ALA A 100 -29.55 -3.64 -9.48
N SER A 101 -29.64 -3.13 -10.70
CA SER A 101 -30.71 -3.57 -11.59
C SER A 101 -30.39 -4.96 -12.10
N SER A 102 -29.11 -5.35 -11.97
CA SER A 102 -28.59 -6.55 -12.63
C SER A 102 -28.39 -7.79 -11.76
N VAL A 103 -28.24 -7.59 -10.45
CA VAL A 103 -27.92 -8.71 -9.58
C VAL A 103 -28.80 -8.77 -8.36
N SER A 104 -28.82 -9.94 -7.72
CA SER A 104 -29.70 -10.18 -6.60
C SER A 104 -28.96 -10.40 -5.29
N ILE A 105 -27.66 -10.15 -5.24
CA ILE A 105 -26.95 -10.25 -3.95
C ILE A 105 -26.92 -8.89 -3.19
N PRO A 106 -26.66 -8.90 -1.86
CA PRO A 106 -26.63 -7.63 -1.14
C PRO A 106 -25.58 -6.63 -1.69
N ILE A 107 -25.97 -5.36 -1.76
CA ILE A 107 -25.10 -4.31 -2.25
C ILE A 107 -24.91 -3.26 -1.16
N LEU A 108 -23.64 -2.94 -0.86
CA LEU A 108 -23.36 -1.82 0.04
C LEU A 108 -22.81 -0.68 -0.81
N MET A 109 -23.39 0.51 -0.66
CA MET A 109 -22.82 1.67 -1.34
C MET A 109 -21.69 2.29 -0.47
N TRP A 110 -20.49 2.42 -1.04
CA TRP A 110 -19.34 2.97 -0.33
C TRP A 110 -19.15 4.38 -0.86
N ASP A 111 -19.42 5.36 -0.01
CA ASP A 111 -19.15 6.75 -0.38
C ASP A 111 -18.72 7.47 0.91
N PHE A 112 -18.61 8.78 0.88
CA PHE A 112 -18.36 9.56 2.10
C PHE A 112 -19.64 10.24 2.49
N ILE A 113 -20.46 9.49 3.22
CA ILE A 113 -21.80 9.97 3.54
C ILE A 113 -21.78 11.03 4.65
N VAL A 114 -22.21 12.25 4.30
CA VAL A 114 -22.28 13.32 5.27
C VAL A 114 -23.64 13.99 5.36
N LYS A 115 -24.55 13.68 4.44
CA LYS A 115 -25.89 14.26 4.53
C LYS A 115 -26.99 13.19 4.19
N GLU A 116 -28.22 13.42 4.64
CA GLU A 116 -29.34 12.51 4.45
C GLU A 116 -29.63 12.20 2.98
N SER A 117 -29.45 13.17 2.10
CA SER A 117 -29.75 12.92 0.67
C SER A 117 -28.87 11.84 -0.01
N GLN A 118 -27.68 11.59 0.56
CA GLN A 118 -26.84 10.53 0.07
C GLN A 118 -27.43 9.20 0.43
N ILE A 119 -28.10 9.12 1.55
CA ILE A 119 -28.76 7.90 1.95
C ILE A 119 -30.03 7.69 1.02
N ASP A 120 -30.76 8.77 0.77
CA ASP A 120 -31.92 8.78 -0.19
C ASP A 120 -31.40 8.25 -1.52
N ASP A 121 -30.25 8.74 -1.93
CA ASP A 121 -29.66 8.35 -3.22
C ASP A 121 -29.36 6.84 -3.23
N ALA A 122 -28.72 6.31 -2.19
CA ALA A 122 -28.43 4.88 -2.03
C ALA A 122 -29.72 4.07 -2.16
N TYR A 123 -30.73 4.49 -1.42
CA TYR A 123 -32.00 3.76 -1.36
C TYR A 123 -32.67 3.72 -2.72
N ASN A 124 -32.73 4.90 -3.35
CA ASN A 124 -33.50 5.10 -4.59
C ASN A 124 -32.80 4.34 -5.75
N LEU A 125 -31.48 4.11 -5.60
CA LEU A 125 -30.63 3.47 -6.63
C LEU A 125 -30.59 1.97 -6.49
N GLY A 126 -31.11 1.50 -5.37
CA GLY A 126 -31.19 0.08 -5.09
C GLY A 126 -30.17 -0.55 -4.15
N ALA A 127 -29.26 0.25 -3.55
CA ALA A 127 -28.32 -0.31 -2.56
C ALA A 127 -29.11 -0.88 -1.37
N ASP A 128 -28.61 -1.98 -0.79
CA ASP A 128 -29.22 -2.55 0.40
C ASP A 128 -28.76 -1.90 1.67
N THR A 129 -27.57 -1.28 1.63
CA THR A 129 -27.04 -0.63 2.82
C THR A 129 -25.94 0.34 2.41
N VAL A 130 -25.41 1.06 3.41
CA VAL A 130 -24.35 1.98 3.15
C VAL A 130 -23.29 1.84 4.27
N GLY A 131 -22.07 2.33 4.00
CA GLY A 131 -21.13 2.52 5.12
C GLY A 131 -21.23 3.91 5.71
N LEU A 132 -20.94 4.00 7.03
CA LEU A 132 -20.83 5.31 7.73
C LEU A 132 -19.44 5.27 8.32
N ILE A 133 -18.70 6.36 8.18
CA ILE A 133 -17.27 6.33 8.40
C ILE A 133 -17.01 7.18 9.67
N VAL A 134 -16.63 6.50 10.75
CA VAL A 134 -16.52 7.23 12.07
C VAL A 134 -15.46 8.34 11.94
N LYS A 135 -14.41 8.08 11.19
CA LYS A 135 -13.35 9.07 10.98
C LYS A 135 -13.85 10.48 10.58
N ILE A 136 -14.96 10.58 9.81
CA ILE A 136 -15.37 11.86 9.27
C ILE A 136 -16.61 12.41 9.91
N LEU A 137 -17.29 11.64 10.75
CA LEU A 137 -18.55 12.04 11.32
C LEU A 137 -18.49 12.24 12.84
N THR A 138 -19.23 13.23 13.32
CA THR A 138 -19.42 13.34 14.77
C THR A 138 -20.31 12.25 15.34
N GLU A 139 -20.21 12.05 16.66
CA GLU A 139 -21.22 11.18 17.30
C GLU A 139 -22.64 11.54 16.92
N ARG A 140 -22.97 12.83 16.98
CA ARG A 140 -24.34 13.26 16.72
C ARG A 140 -24.74 12.90 15.27
N GLU A 141 -23.85 13.19 14.34
CA GLU A 141 -24.14 12.86 12.90
C GLU A 141 -24.33 11.35 12.70
N LEU A 142 -23.47 10.55 13.36
CA LEU A 142 -23.52 9.11 13.24
C LEU A 142 -24.85 8.60 13.75
N GLU A 143 -25.29 9.10 14.89
CA GLU A 143 -26.60 8.66 15.43
C GLU A 143 -27.75 9.08 14.55
N SER A 144 -27.71 10.30 14.01
CA SER A 144 -28.82 10.76 13.18
C SER A 144 -28.83 9.99 11.85
N LEU A 145 -27.67 9.86 11.20
CA LEU A 145 -27.65 9.13 9.90
C LEU A 145 -27.95 7.67 10.04
N LEU A 146 -27.52 7.10 11.16
CA LEU A 146 -27.80 5.69 11.38
C LEU A 146 -29.32 5.51 11.54
N GLU A 147 -29.94 6.38 12.33
CA GLU A 147 -31.40 6.28 12.48
C GLU A 147 -32.13 6.54 11.18
N TYR A 148 -31.66 7.50 10.40
CA TYR A 148 -32.24 7.78 9.13
C TYR A 148 -32.14 6.58 8.22
N ALA A 149 -31.00 5.94 8.09
CA ALA A 149 -30.89 4.76 7.22
C ALA A 149 -31.81 3.65 7.72
N ARG A 150 -31.93 3.52 9.05
CA ARG A 150 -32.81 2.47 9.62
C ARG A 150 -34.27 2.71 9.30
N SER A 151 -34.65 3.97 9.13
CA SER A 151 -36.03 4.33 8.76
C SER A 151 -36.40 3.87 7.36
N TYR A 152 -35.41 3.68 6.50
CA TYR A 152 -35.58 2.97 5.22
C TYR A 152 -35.40 1.45 5.28
N GLY A 153 -35.21 0.91 6.46
CA GLY A 153 -34.96 -0.52 6.58
C GLY A 153 -33.57 -1.02 6.27
N MET A 154 -32.59 -0.10 6.25
CA MET A 154 -31.17 -0.43 6.05
C MET A 154 -30.47 -0.60 7.43
N GLU A 155 -29.43 -1.44 7.47
CA GLU A 155 -28.55 -1.51 8.67
C GLU A 155 -27.14 -1.19 8.21
N PRO A 156 -26.74 0.08 8.32
CA PRO A 156 -25.43 0.56 7.82
C PRO A 156 -24.27 -0.19 8.45
N ALA A 157 -23.18 -0.38 7.71
CA ALA A 157 -21.92 -0.90 8.29
C ALA A 157 -21.18 0.30 8.84
N ILE A 158 -20.59 0.14 10.00
CA ILE A 158 -19.90 1.30 10.63
C ILE A 158 -18.44 1.05 10.44
N VAL A 159 -17.73 2.00 9.81
CA VAL A 159 -16.35 1.74 9.39
C VAL A 159 -15.38 2.35 10.42
N ILE A 160 -14.47 1.53 10.94
CA ILE A 160 -13.45 1.95 11.99
C ILE A 160 -12.03 1.48 11.68
N ASN A 161 -11.01 2.16 12.26
CA ASN A 161 -9.61 1.82 12.01
C ASN A 161 -8.84 2.12 13.30
N ASP A 162 -9.53 2.59 14.34
CA ASP A 162 -8.81 2.79 15.65
C ASP A 162 -9.72 2.62 16.86
N GLU A 163 -9.10 2.63 18.05
CA GLU A 163 -9.89 2.39 19.28
C GLU A 163 -10.92 3.44 19.53
N GLU A 164 -10.59 4.71 19.32
CA GLU A 164 -11.57 5.78 19.59
C GLU A 164 -12.81 5.59 18.65
N ASP A 165 -12.54 5.24 17.39
CA ASP A 165 -13.57 4.98 16.36
C ASP A 165 -14.49 3.79 16.84
N LEU A 166 -13.85 2.71 17.29
CA LEU A 166 -14.57 1.53 17.76
C LEU A 166 -15.45 1.88 18.94
N ASP A 167 -14.93 2.67 19.89
CA ASP A 167 -15.74 3.03 21.01
C ASP A 167 -17.00 3.81 20.58
N ILE A 168 -16.85 4.76 19.63
CA ILE A 168 -18.02 5.44 19.12
C ILE A 168 -18.99 4.45 18.38
N ALA A 169 -18.45 3.50 17.62
CA ALA A 169 -19.32 2.53 16.92
C ALA A 169 -20.16 1.74 17.95
N LEU A 170 -19.56 1.39 19.11
CA LEU A 170 -20.33 0.67 20.14
C LEU A 170 -21.32 1.61 20.84
N ARG A 171 -20.92 2.86 21.01
CA ARG A 171 -21.78 3.86 21.64
C ARG A 171 -23.06 4.06 20.83
N ILE A 172 -22.95 3.99 19.51
CA ILE A 172 -24.15 4.20 18.64
C ILE A 172 -24.94 2.94 18.40
N GLY A 173 -24.55 1.81 19.00
CA GLY A 173 -25.40 0.60 18.87
C GLY A 173 -25.13 -0.02 17.51
N ALA A 174 -23.91 0.08 16.98
CA ALA A 174 -23.58 -0.63 15.72
C ALA A 174 -23.86 -2.16 15.76
N ARG A 175 -24.39 -2.74 14.69
CA ARG A 175 -24.66 -4.14 14.62
C ARG A 175 -23.79 -4.86 13.59
N ILE A 176 -23.19 -4.07 12.77
CA ILE A 176 -22.20 -4.59 11.82
C ILE A 176 -21.08 -3.58 11.64
N ILE A 177 -19.85 -4.07 11.83
CA ILE A 177 -18.69 -3.18 11.78
C ILE A 177 -17.70 -3.61 10.74
N ILE A 178 -17.18 -2.67 9.96
CA ILE A 178 -16.07 -2.96 9.06
C ILE A 178 -14.79 -2.46 9.75
N ILE A 179 -13.86 -3.37 10.04
CA ILE A 179 -12.52 -3.01 10.65
C ILE A 179 -11.55 -2.97 9.50
N SER A 180 -11.18 -1.77 9.10
CA SER A 180 -10.30 -1.67 7.96
C SER A 180 -8.89 -1.60 8.45
N SER A 181 -7.99 -2.39 7.83
CA SER A 181 -6.54 -2.29 8.25
C SER A 181 -5.85 -1.09 7.59
N ARG A 182 -6.54 -0.40 6.67
CA ARG A 182 -5.95 0.71 5.93
C ARG A 182 -6.39 2.08 6.54
N ASP A 183 -5.42 2.83 7.11
CA ASP A 183 -5.73 4.13 7.64
C ASP A 183 -6.06 5.02 6.47
N LEU A 184 -7.24 5.67 6.48
CA LEU A 184 -7.64 6.58 5.39
C LEU A 184 -6.71 7.75 5.10
N GLU A 185 -6.07 8.26 6.16
CA GLU A 185 -5.16 9.40 6.01
C GLU A 185 -3.75 9.02 5.60
N THR A 186 -3.19 8.00 6.21
CA THR A 186 -1.78 7.67 5.94
C THR A 186 -1.57 6.58 4.88
N LEU A 187 -2.66 5.86 4.59
CA LEU A 187 -2.65 4.64 3.77
C LEU A 187 -1.81 3.50 4.33
N GLU A 188 -1.38 3.63 5.60
CA GLU A 188 -0.69 2.53 6.28
C GLU A 188 -1.59 1.32 6.53
N ILE A 189 -1.06 0.14 6.23
CA ILE A 189 -1.75 -1.10 6.53
C ILE A 189 -1.18 -1.64 7.84
N ASN A 190 -2.00 -1.76 8.88
CA ASN A 190 -1.51 -2.26 10.18
C ASN A 190 -2.43 -3.39 10.63
N LYS A 191 -1.98 -4.61 10.41
CA LYS A 191 -2.83 -5.77 10.67
C LYS A 191 -2.84 -6.16 12.15
N GLU A 192 -1.75 -5.84 12.83
CA GLU A 192 -1.71 -5.97 14.29
C GLU A 192 -2.84 -5.14 14.94
N ASN A 193 -2.96 -3.89 14.53
CA ASN A 193 -4.00 -3.02 15.05
C ASN A 193 -5.40 -3.55 14.69
N GLN A 194 -5.54 -4.03 13.45
CA GLN A 194 -6.84 -4.58 13.00
C GLN A 194 -7.27 -5.77 13.89
N ARG A 195 -6.36 -6.74 14.10
CA ARG A 195 -6.61 -7.86 15.02
C ARG A 195 -6.96 -7.41 16.43
N LYS A 196 -6.26 -6.39 16.93
CA LYS A 196 -6.57 -5.90 18.26
C LYS A 196 -8.00 -5.36 18.34
N LEU A 197 -8.36 -4.51 17.38
CA LEU A 197 -9.76 -4.03 17.26
C LEU A 197 -10.81 -5.15 17.17
N ILE A 198 -10.53 -6.17 16.36
CA ILE A 198 -11.45 -7.31 16.21
C ILE A 198 -11.73 -7.94 17.57
N SER A 199 -10.65 -8.12 18.35
CA SER A 199 -10.70 -8.80 19.65
C SER A 199 -11.58 -8.06 20.67
N MET A 200 -11.85 -6.79 20.40
CA MET A 200 -12.58 -5.93 21.29
C MET A 200 -14.04 -5.73 20.95
N ILE A 201 -14.53 -6.42 19.91
CA ILE A 201 -15.90 -6.24 19.41
C ILE A 201 -16.72 -7.34 20.01
N PRO A 202 -17.87 -7.00 20.59
CA PRO A 202 -18.73 -8.01 21.19
C PRO A 202 -19.18 -9.08 20.16
N SER A 203 -19.53 -10.25 20.65
CA SER A 203 -19.79 -11.39 19.76
C SER A 203 -21.06 -11.21 18.90
N ASN A 204 -22.00 -10.36 19.34
CA ASN A 204 -23.23 -10.19 18.59
C ASN A 204 -23.16 -9.08 17.51
N VAL A 205 -21.98 -8.52 17.35
CA VAL A 205 -21.75 -7.59 16.27
C VAL A 205 -21.07 -8.33 15.11
N VAL A 206 -21.66 -8.26 13.93
CA VAL A 206 -21.03 -8.87 12.76
C VAL A 206 -19.76 -8.10 12.35
N LYS A 207 -18.66 -8.83 12.16
CA LYS A 207 -17.32 -8.22 11.96
C LYS A 207 -16.84 -8.51 10.56
N VAL A 208 -16.61 -7.43 9.82
CA VAL A 208 -16.04 -7.52 8.47
C VAL A 208 -14.61 -7.01 8.46
N ALA A 209 -13.67 -7.87 8.08
CA ALA A 209 -12.27 -7.39 7.97
C ALA A 209 -12.05 -6.87 6.56
N ALA A 210 -11.50 -5.66 6.43
CA ALA A 210 -11.28 -5.02 5.16
C ALA A 210 -9.80 -4.68 4.97
N SER A 211 -9.28 -4.80 3.72
CA SER A 211 -7.95 -4.29 3.29
C SER A 211 -6.82 -5.22 3.66
N GLY A 212 -5.85 -5.33 2.78
CA GLY A 212 -4.69 -6.16 3.01
C GLY A 212 -4.92 -7.65 2.95
N ILE A 213 -6.07 -8.10 2.45
CA ILE A 213 -6.36 -9.55 2.39
C ILE A 213 -6.04 -10.08 1.00
N SER A 214 -5.14 -11.05 0.93
CA SER A 214 -4.71 -11.57 -0.37
C SER A 214 -4.58 -13.12 -0.41
N GLU A 215 -4.74 -13.79 0.73
CA GLU A 215 -4.47 -15.25 0.76
C GLU A 215 -5.53 -15.97 1.54
N ARG A 216 -5.88 -17.19 1.11
CA ARG A 216 -6.78 -18.05 1.86
C ARG A 216 -6.31 -18.26 3.34
N ASN A 217 -5.00 -18.39 3.56
CA ASN A 217 -4.51 -18.63 4.93
C ASN A 217 -4.84 -17.44 5.83
N GLU A 218 -4.88 -16.22 5.26
CA GLU A 218 -5.20 -15.02 6.08
C GLU A 218 -6.64 -15.09 6.49
N ILE A 219 -7.50 -15.48 5.56
CA ILE A 219 -8.93 -15.54 5.80
C ILE A 219 -9.16 -16.59 6.87
N GLU A 220 -8.45 -17.72 6.79
CA GLU A 220 -8.61 -18.81 7.78
C GLU A 220 -8.25 -18.35 9.18
N GLU A 221 -7.11 -17.65 9.29
CA GLU A 221 -6.64 -17.11 10.60
C GLU A 221 -7.62 -16.12 11.20
N LEU A 222 -8.10 -15.19 10.37
CA LEU A 222 -9.09 -14.18 10.77
C LEU A 222 -10.41 -14.80 11.12
N ARG A 223 -10.84 -15.81 10.39
CA ARG A 223 -12.08 -16.47 10.76
C ARG A 223 -11.95 -17.05 12.17
N LYS A 224 -10.84 -17.73 12.45
CA LYS A 224 -10.63 -18.29 13.81
C LYS A 224 -10.69 -17.20 14.92
N LEU A 225 -10.30 -15.98 14.58
CA LEU A 225 -10.39 -14.84 15.51
C LEU A 225 -11.78 -14.23 15.58
N GLY A 226 -12.73 -14.77 14.82
CA GLY A 226 -14.10 -14.34 14.93
C GLY A 226 -14.62 -13.45 13.80
N VAL A 227 -13.77 -13.12 12.83
CA VAL A 227 -14.21 -12.34 11.67
C VAL A 227 -15.27 -13.16 10.88
N ASN A 228 -16.32 -12.46 10.49
CA ASN A 228 -17.45 -13.09 9.84
C ASN A 228 -17.37 -13.02 8.33
N ALA A 229 -16.73 -11.98 7.79
CA ALA A 229 -16.64 -11.81 6.35
C ALA A 229 -15.47 -10.93 6.03
N PHE A 230 -15.10 -10.93 4.75
CA PHE A 230 -13.80 -10.45 4.28
C PHE A 230 -13.99 -9.56 3.09
N GLU A 231 -13.67 -8.28 3.25
CA GLU A 231 -13.85 -7.33 2.15
C GLU A 231 -12.57 -7.27 1.33
N ILE A 232 -12.67 -7.46 0.01
CA ILE A 232 -11.53 -7.51 -0.87
C ILE A 232 -11.83 -6.72 -2.16
N GLY A 233 -10.92 -5.79 -2.49
CA GLY A 233 -11.11 -4.84 -3.58
C GLY A 233 -10.11 -4.98 -4.71
N SER A 234 -8.95 -4.31 -4.59
CA SER A 234 -8.07 -4.17 -5.75
C SER A 234 -7.64 -5.51 -6.38
N SER A 235 -7.40 -6.54 -5.57
CA SER A 235 -6.91 -7.76 -6.16
C SER A 235 -8.00 -8.41 -7.01
N LEU A 236 -9.26 -8.27 -6.61
CA LEU A 236 -10.41 -8.76 -7.41
C LEU A 236 -10.73 -7.89 -8.64
N MET A 237 -10.51 -6.59 -8.53
CA MET A 237 -10.62 -5.70 -9.67
C MET A 237 -9.66 -6.03 -10.80
N ARG A 238 -8.47 -6.51 -10.43
CA ARG A 238 -7.47 -6.85 -11.44
C ARG A 238 -7.60 -8.28 -11.89
N ASN A 239 -8.09 -9.16 -11.02
CA ASN A 239 -8.17 -10.63 -11.32
C ASN A 239 -9.41 -11.17 -10.64
N PRO A 240 -10.63 -10.92 -11.21
CA PRO A 240 -11.90 -11.22 -10.53
C PRO A 240 -12.00 -12.70 -10.13
N GLU A 241 -11.42 -13.57 -10.92
CA GLU A 241 -11.58 -15.00 -10.71
C GLU A 241 -10.72 -15.51 -9.55
N LYS A 242 -9.83 -14.64 -9.00
CA LYS A 242 -9.14 -14.99 -7.72
C LYS A 242 -10.17 -15.34 -6.63
N ILE A 243 -11.37 -14.79 -6.72
CA ILE A 243 -12.32 -15.09 -5.65
C ILE A 243 -12.58 -16.62 -5.49
N LYS A 244 -12.51 -17.40 -6.59
CA LYS A 244 -12.70 -18.84 -6.49
C LYS A 244 -11.64 -19.49 -5.64
N GLU A 245 -10.39 -19.06 -5.73
CA GLU A 245 -9.36 -19.59 -4.81
C GLU A 245 -9.63 -19.27 -3.33
N LEU A 246 -10.10 -18.07 -3.08
CA LEU A 246 -10.21 -17.54 -1.73
C LEU A 246 -11.35 -18.16 -0.98
N ILE A 247 -12.39 -18.60 -1.69
CA ILE A 247 -13.49 -19.29 -1.00
C ILE A 247 -13.33 -20.81 -0.79
N LEU A 248 -12.32 -21.41 -1.39
CA LEU A 248 -12.08 -22.86 -1.35
C LEU A 248 -11.69 -23.39 0.04
N PRO B 2 8.06 -16.11 -0.59
CA PRO B 2 8.38 -15.31 -1.79
C PRO B 2 7.42 -15.66 -2.95
N ARG B 3 7.43 -14.86 -4.03
CA ARG B 3 6.65 -15.19 -5.25
C ARG B 3 7.23 -16.41 -5.96
N TYR B 4 6.48 -16.98 -6.94
CA TYR B 4 7.02 -18.02 -7.84
C TYR B 4 8.13 -17.47 -8.71
N LEU B 5 9.32 -18.03 -8.55
CA LEU B 5 10.54 -17.48 -9.15
C LEU B 5 11.29 -18.57 -9.92
N LYS B 6 12.25 -18.20 -10.76
CA LYS B 6 13.09 -19.16 -11.50
C LYS B 6 14.47 -18.46 -11.66
N GLY B 7 15.46 -19.23 -12.12
CA GLY B 7 16.78 -18.72 -12.43
C GLY B 7 17.51 -18.11 -11.26
N ALA B 8 18.30 -17.07 -11.56
CA ALA B 8 19.08 -16.40 -10.54
C ALA B 8 18.21 -15.78 -9.44
N LEU B 9 17.02 -15.23 -9.76
CA LEU B 9 16.25 -14.68 -8.65
C LEU B 9 15.80 -15.77 -7.68
N LYS B 10 15.44 -16.94 -8.20
CA LYS B 10 15.05 -18.04 -7.32
C LYS B 10 16.22 -18.39 -6.39
N ASP B 11 17.41 -18.40 -6.98
CA ASP B 11 18.63 -18.76 -6.25
C ASP B 11 18.99 -17.76 -5.14
N VAL B 12 18.92 -16.48 -5.49
CA VAL B 12 19.30 -15.49 -4.51
C VAL B 12 18.31 -15.48 -3.37
N VAL B 13 17.05 -15.74 -3.69
CA VAL B 13 16.05 -15.80 -2.65
C VAL B 13 16.28 -17.01 -1.72
N GLN B 14 16.57 -18.17 -2.27
CA GLN B 14 16.84 -19.32 -1.45
C GLN B 14 18.10 -19.04 -0.56
N LEU B 15 19.12 -18.44 -1.11
CA LEU B 15 20.33 -18.11 -0.34
C LEU B 15 19.99 -17.07 0.76
N SER B 16 19.07 -16.13 0.45
CA SER B 16 18.71 -15.15 1.44
C SER B 16 17.94 -15.74 2.60
N LEU B 17 17.17 -16.78 2.32
CA LEU B 17 16.41 -17.41 3.36
C LEU B 17 17.32 -18.03 4.42
N ARG B 18 18.52 -18.42 4.00
CA ARG B 18 19.44 -19.09 4.88
C ARG B 18 20.44 -18.08 5.42
N ARG B 19 20.28 -16.77 5.13
CA ARG B 19 21.38 -15.80 5.55
C ARG B 19 21.50 -15.78 7.10
N PRO B 20 22.70 -16.08 7.66
CA PRO B 20 22.83 -16.10 9.15
C PRO B 20 22.59 -14.72 9.69
N SER B 21 21.78 -14.59 10.73
CA SER B 21 21.51 -13.30 11.36
C SER B 21 22.66 -12.97 12.31
N LEU B 22 22.81 -11.71 12.68
CA LEU B 22 23.92 -11.40 13.58
C LEU B 22 23.44 -10.68 14.85
N ARG B 23 24.39 -10.53 15.79
CA ARG B 23 24.15 -9.81 17.05
C ARG B 23 25.01 -8.58 17.15
N ALA B 24 24.37 -7.42 17.35
CA ALA B 24 25.12 -6.15 17.48
C ALA B 24 24.21 -5.12 18.06
N SER B 25 24.80 -4.05 18.60
CA SER B 25 24.05 -3.01 19.21
C SER B 25 24.10 -1.82 18.30
N ARG B 26 22.95 -1.37 17.85
CA ARG B 26 22.92 -0.12 17.10
C ARG B 26 23.38 1.03 18.01
N GLN B 27 24.22 1.89 17.46
CA GLN B 27 24.62 3.05 18.20
C GLN B 27 24.62 4.17 17.20
N ARG B 28 23.41 4.66 16.91
CA ARG B 28 23.14 5.54 15.78
C ARG B 28 21.63 5.81 15.79
N PRO B 29 21.19 7.06 15.85
CA PRO B 29 19.75 7.30 15.61
C PRO B 29 19.30 6.81 14.19
N ILE B 30 17.99 6.63 13.94
CA ILE B 30 17.56 6.47 12.54
C ILE B 30 17.65 7.86 11.91
N ILE B 31 18.36 8.02 10.80
CA ILE B 31 18.42 9.34 10.10
C ILE B 31 17.66 9.10 8.80
N SER B 32 16.55 9.79 8.58
CA SER B 32 15.67 9.45 7.44
C SER B 32 16.20 9.88 6.06
N LEU B 33 16.34 8.90 5.14
CA LEU B 33 16.69 9.17 3.76
C LEU B 33 15.55 9.97 3.11
N ARG B 34 14.32 9.54 3.32
CA ARG B 34 13.19 10.25 2.73
C ARG B 34 13.16 11.74 3.07
N GLU B 35 13.32 12.04 4.38
CA GLU B 35 13.24 13.40 4.84
C GLU B 35 14.39 14.23 4.25
N ARG B 36 15.61 13.67 4.19
CA ARG B 36 16.76 14.41 3.66
C ARG B 36 16.61 14.67 2.15
N ILE B 37 16.03 13.69 1.42
CA ILE B 37 15.65 13.99 0.06
C ILE B 37 14.75 15.21 -0.06
N LEU B 38 13.66 15.21 0.71
CA LEU B 38 12.68 16.32 0.68
C LEU B 38 13.37 17.64 1.02
N GLU B 39 14.33 17.60 1.95
CA GLU B 39 15.09 18.80 2.40
C GLU B 39 15.98 19.32 1.25
N PHE B 40 16.60 18.38 0.49
CA PHE B 40 17.45 18.73 -0.61
C PHE B 40 16.59 19.36 -1.71
N ASN B 41 15.38 18.79 -1.90
CA ASN B 41 14.46 19.31 -2.92
C ASN B 41 14.08 20.71 -2.55
N LYS B 42 13.83 20.95 -1.26
CA LYS B 42 13.35 22.25 -0.79
C LYS B 42 14.41 23.30 -1.04
N ARG B 43 15.66 22.87 -0.90
CA ARG B 43 16.82 23.75 -1.01
C ARG B 43 17.38 23.82 -2.41
N ASN B 44 16.69 23.17 -3.37
CA ASN B 44 17.10 23.16 -4.78
C ASN B 44 18.47 22.61 -5.04
N ILE B 45 18.78 21.54 -4.35
CA ILE B 45 20.10 20.93 -4.37
C ILE B 45 19.96 19.47 -4.85
N THR B 46 20.64 19.11 -5.95
CA THR B 46 20.46 17.74 -6.55
C THR B 46 20.80 16.63 -5.53
N ALA B 47 19.87 15.70 -5.41
CA ALA B 47 19.96 14.61 -4.46
C ALA B 47 20.36 13.29 -5.13
N ILE B 48 21.63 12.93 -5.00
CA ILE B 48 22.16 11.72 -5.60
C ILE B 48 22.45 10.69 -4.53
N ILE B 49 21.92 9.48 -4.72
CA ILE B 49 22.12 8.39 -3.80
C ILE B 49 23.20 7.52 -4.43
N ALA B 50 24.40 7.53 -3.85
CA ALA B 50 25.54 6.75 -4.37
C ALA B 50 25.45 5.28 -3.88
N VAL B 51 25.68 4.34 -4.79
CA VAL B 51 25.68 2.94 -4.41
C VAL B 51 27.09 2.42 -4.28
N TYR B 52 27.32 1.63 -3.22
CA TYR B 52 28.52 0.87 -3.07
C TYR B 52 28.25 -0.59 -3.41
N LYS B 53 28.92 -1.06 -4.45
CA LYS B 53 28.78 -2.47 -4.86
C LYS B 53 29.99 -2.94 -5.60
N ARG B 54 30.64 -3.99 -5.11
CA ARG B 54 31.88 -4.51 -5.71
C ARG B 54 31.67 -5.32 -7.00
N LYS B 55 30.49 -5.94 -7.10
CA LYS B 55 30.17 -6.90 -8.18
C LYS B 55 28.67 -6.72 -8.50
N SER B 56 28.30 -6.98 -9.76
CA SER B 56 26.88 -7.04 -10.06
C SER B 56 26.69 -7.73 -11.41
N PRO B 57 25.42 -8.12 -11.70
CA PRO B 57 25.15 -8.79 -12.99
C PRO B 57 25.36 -7.83 -14.15
N SER B 58 25.45 -6.52 -13.87
CA SER B 58 25.51 -5.45 -14.91
C SER B 58 26.83 -4.66 -14.90
N GLY B 59 27.91 -5.31 -14.50
CA GLY B 59 29.20 -4.61 -14.54
C GLY B 59 30.35 -5.53 -14.24
N LEU B 60 31.58 -5.03 -14.44
CA LEU B 60 32.77 -5.73 -13.98
C LEU B 60 33.06 -5.44 -12.49
N ASP B 61 33.79 -6.37 -11.86
CA ASP B 61 34.16 -6.24 -10.45
C ASP B 61 35.02 -4.98 -10.21
N VAL B 62 34.74 -4.29 -9.11
CA VAL B 62 35.54 -3.16 -8.70
C VAL B 62 35.91 -3.37 -7.23
N GLU B 63 37.18 -3.46 -6.96
CA GLU B 63 37.61 -3.61 -5.58
C GLU B 63 38.14 -2.26 -5.09
N ARG B 64 37.48 -1.70 -4.12
CA ARG B 64 37.78 -0.39 -3.60
C ARG B 64 37.39 -0.30 -2.13
N ASP B 65 38.08 0.54 -1.37
CA ASP B 65 37.79 0.59 0.06
C ASP B 65 36.49 1.22 0.43
N PRO B 66 35.70 0.54 1.17
CA PRO B 66 34.32 1.02 1.48
C PRO B 66 34.30 2.27 2.34
N ILE B 67 35.26 2.38 3.28
CA ILE B 67 35.26 3.53 4.19
C ILE B 67 35.69 4.79 3.42
N GLU B 68 36.74 4.65 2.59
CA GLU B 68 37.23 5.78 1.81
C GLU B 68 36.15 6.28 0.87
N TYR B 69 35.44 5.34 0.20
CA TYR B 69 34.30 5.67 -0.65
C TYR B 69 33.19 6.46 0.06
N ALA B 70 32.75 5.92 1.20
CA ALA B 70 31.64 6.50 1.97
C ALA B 70 32.03 7.84 2.52
N LYS B 71 33.28 7.94 2.96
CA LYS B 71 33.70 9.22 3.58
C LYS B 71 33.79 10.24 2.47
N PHE B 72 34.16 9.79 1.26
CA PHE B 72 34.21 10.75 0.17
C PHE B 72 32.77 11.17 -0.16
N MET B 73 31.87 10.18 -0.29
CA MET B 73 30.47 10.46 -0.62
C MET B 73 29.70 11.30 0.39
N GLU B 74 30.07 11.19 1.67
CA GLU B 74 29.44 11.96 2.75
C GLU B 74 29.29 13.45 2.43
N ARG B 75 30.27 14.02 1.72
CA ARG B 75 30.26 15.46 1.40
C ARG B 75 29.28 15.88 0.28
N TYR B 76 28.88 14.94 -0.57
CA TYR B 76 28.19 15.24 -1.84
C TYR B 76 26.85 14.54 -2.00
N ALA B 77 26.81 13.28 -1.58
CA ALA B 77 25.61 12.42 -1.76
C ALA B 77 24.50 12.72 -0.77
N VAL B 78 23.22 12.49 -1.18
CA VAL B 78 22.10 12.70 -0.28
C VAL B 78 22.04 11.51 0.65
N GLY B 79 22.47 10.37 0.15
CA GLY B 79 22.47 9.13 0.93
C GLY B 79 23.32 8.09 0.21
N LEU B 80 23.51 6.94 0.86
CA LEU B 80 24.34 5.86 0.34
C LEU B 80 23.53 4.61 0.36
N VAL B 81 23.67 3.79 -0.70
CA VAL B 81 23.08 2.48 -0.70
C VAL B 81 24.22 1.47 -0.62
N ILE B 82 24.15 0.55 0.33
CA ILE B 82 25.23 -0.40 0.44
C ILE B 82 24.71 -1.79 0.15
N LEU B 83 25.33 -2.47 -0.81
CA LEU B 83 24.99 -3.87 -1.14
C LEU B 83 25.45 -4.78 0.00
N THR B 84 24.56 -5.62 0.52
CA THR B 84 25.04 -6.60 1.50
C THR B 84 24.78 -7.99 0.93
N GLU B 85 24.26 -8.11 -0.30
CA GLU B 85 24.09 -9.46 -0.87
C GLU B 85 25.46 -9.98 -1.30
N GLU B 86 25.77 -11.24 -0.96
CA GLU B 86 27.13 -11.76 -1.14
C GLU B 86 27.50 -12.46 -2.43
N LYS B 87 26.58 -13.28 -2.96
CA LYS B 87 26.90 -14.14 -4.10
C LYS B 87 27.01 -13.41 -5.41
N TYR B 88 26.09 -12.49 -5.64
CA TYR B 88 25.98 -11.81 -6.95
C TYR B 88 26.54 -10.39 -6.92
N PHE B 89 26.71 -9.84 -5.70
CA PHE B 89 27.17 -8.45 -5.58
C PHE B 89 28.44 -8.34 -4.74
N ASN B 90 28.86 -9.45 -4.13
CA ASN B 90 30.06 -9.51 -3.26
C ASN B 90 30.04 -8.44 -2.15
N GLY B 91 28.83 -8.15 -1.70
CA GLY B 91 28.58 -7.30 -0.57
C GLY B 91 28.84 -8.08 0.71
N SER B 92 28.84 -7.39 1.83
CA SER B 92 28.85 -8.05 3.14
C SER B 92 28.24 -7.14 4.20
N TYR B 93 27.78 -7.73 5.29
CA TYR B 93 27.35 -6.98 6.45
C TYR B 93 28.51 -6.17 7.00
N GLU B 94 29.72 -6.67 6.80
CA GLU B 94 30.93 -5.95 7.25
C GLU B 94 31.07 -4.58 6.60
N ASP B 95 30.73 -4.49 5.29
CA ASP B 95 30.79 -3.23 4.58
C ASP B 95 29.83 -2.23 5.23
N LEU B 96 28.59 -2.67 5.49
CA LEU B 96 27.59 -1.83 6.11
C LEU B 96 28.03 -1.36 7.52
N ARG B 97 28.53 -2.30 8.34
CA ARG B 97 28.94 -2.01 9.72
C ARG B 97 30.00 -0.93 9.69
N LYS B 98 31.03 -1.14 8.89
CA LYS B 98 32.14 -0.19 8.80
C LYS B 98 31.65 1.18 8.32
N ILE B 99 30.84 1.20 7.26
CA ILE B 99 30.39 2.49 6.69
C ILE B 99 29.46 3.27 7.65
N ALA B 100 28.51 2.57 8.27
CA ALA B 100 27.62 3.17 9.28
C ALA B 100 28.38 3.74 10.45
N SER B 101 29.47 3.08 10.85
CA SER B 101 30.21 3.56 12.01
C SER B 101 30.98 4.77 11.59
N SER B 102 31.10 5.01 10.27
CA SER B 102 32.04 6.00 9.73
C SER B 102 31.42 7.30 9.23
N VAL B 103 30.13 7.27 8.88
CA VAL B 103 29.52 8.45 8.26
C VAL B 103 28.18 8.78 8.87
N SER B 104 27.70 10.00 8.64
CA SER B 104 26.52 10.49 9.27
C SER B 104 25.38 10.76 8.28
N ILE B 105 25.52 10.33 7.01
CA ILE B 105 24.42 10.53 6.07
C ILE B 105 23.52 9.28 6.03
N PRO B 106 22.28 9.41 5.49
CA PRO B 106 21.40 8.24 5.45
C PRO B 106 21.97 7.07 4.68
N ILE B 107 21.77 5.87 5.22
CA ILE B 107 22.21 4.63 4.60
C ILE B 107 21.06 3.68 4.34
N LEU B 108 20.92 3.26 3.08
CA LEU B 108 19.93 2.22 2.79
C LEU B 108 20.67 0.89 2.58
N MET B 109 20.22 -0.18 3.25
CA MET B 109 20.83 -1.47 2.97
C MET B 109 20.11 -2.14 1.79
N TRP B 110 20.83 -2.53 0.75
CA TRP B 110 20.26 -3.21 -0.41
C TRP B 110 20.57 -4.66 -0.39
N ASP B 111 19.58 -5.51 -0.18
CA ASP B 111 19.80 -6.93 -0.21
C ASP B 111 18.50 -7.50 -0.76
N PHE B 112 18.35 -8.80 -0.68
CA PHE B 112 17.11 -9.47 -1.06
C PHE B 112 16.40 -9.91 0.19
N ILE B 113 15.66 -8.96 0.75
CA ILE B 113 15.05 -9.17 2.06
C ILE B 113 13.81 -10.07 1.99
N VAL B 114 13.89 -11.23 2.66
CA VAL B 114 12.79 -12.21 2.60
C VAL B 114 12.33 -12.68 3.96
N LYS B 115 13.09 -12.31 5.01
CA LYS B 115 12.73 -12.69 6.38
C LYS B 115 13.06 -11.52 7.37
N GLU B 116 12.34 -11.49 8.48
CA GLU B 116 12.51 -10.44 9.52
C GLU B 116 13.93 -10.27 10.01
N SER B 117 14.67 -11.37 10.13
CA SER B 117 16.04 -11.27 10.70
C SER B 117 16.99 -10.41 9.85
N GLN B 118 16.70 -10.28 8.54
CA GLN B 118 17.52 -9.44 7.68
C GLN B 118 17.25 -8.01 8.01
N ILE B 119 16.03 -7.71 8.43
CA ILE B 119 15.70 -6.35 8.89
C ILE B 119 16.37 -6.07 10.25
N ASP B 120 16.31 -7.05 11.14
CA ASP B 120 17.04 -6.97 12.46
C ASP B 120 18.51 -6.71 12.13
N ASP B 121 19.05 -7.38 11.11
CA ASP B 121 20.48 -7.23 10.77
C ASP B 121 20.82 -5.79 10.33
N ALA B 122 20.02 -5.22 9.42
CA ALA B 122 20.12 -3.85 8.94
C ALA B 122 20.09 -2.90 10.16
N TYR B 123 19.13 -3.12 11.04
CA TYR B 123 18.97 -2.20 12.14
C TYR B 123 20.16 -2.25 13.07
N ASN B 124 20.58 -3.47 13.40
CA ASN B 124 21.65 -3.72 14.37
C ASN B 124 22.98 -3.18 13.82
N LEU B 125 23.13 -3.15 12.47
CA LEU B 125 24.38 -2.72 11.80
C LEU B 125 24.48 -1.23 11.59
N GLY B 126 23.34 -0.54 11.69
CA GLY B 126 23.27 0.90 11.62
C GLY B 126 22.63 1.45 10.35
N ALA B 127 22.17 0.59 9.43
CA ALA B 127 21.36 1.10 8.29
C ALA B 127 20.13 1.90 8.77
N ASP B 128 19.81 2.98 8.06
CA ASP B 128 18.67 3.81 8.37
C ASP B 128 17.42 3.26 7.73
N THR B 129 17.58 2.44 6.67
CA THR B 129 16.40 1.89 5.98
C THR B 129 16.89 0.71 5.11
N VAL B 130 15.93 0.07 4.49
CA VAL B 130 16.21 -1.07 3.62
C VAL B 130 15.35 -0.91 2.35
N GLY B 131 15.70 -1.66 1.29
CA GLY B 131 14.79 -1.74 0.12
C GLY B 131 13.99 -3.02 0.27
N LEU B 132 12.72 -3.00 -0.17
CA LEU B 132 11.90 -4.23 -0.26
C LEU B 132 11.53 -4.36 -1.75
N ILE B 133 11.71 -5.55 -2.32
CA ILE B 133 11.66 -5.68 -3.77
C ILE B 133 10.35 -6.41 -4.13
N VAL B 134 9.46 -5.70 -4.86
CA VAL B 134 8.09 -6.22 -5.09
C VAL B 134 8.19 -7.46 -5.99
N LYS B 135 9.16 -7.47 -6.88
CA LYS B 135 9.36 -8.66 -7.75
C LYS B 135 9.51 -10.01 -7.01
N ILE B 136 10.07 -10.00 -5.79
CA ILE B 136 10.33 -11.26 -5.09
C ILE B 136 9.43 -11.54 -3.91
N LEU B 137 8.57 -10.59 -3.53
CA LEU B 137 7.72 -10.74 -2.35
C LEU B 137 6.26 -10.72 -2.68
N THR B 138 5.48 -11.52 -1.95
CA THR B 138 4.01 -11.45 -2.12
C THR B 138 3.46 -10.20 -1.43
N GLU B 139 2.20 -9.86 -1.74
CA GLU B 139 1.58 -8.76 -1.01
C GLU B 139 1.67 -8.95 0.50
N ARG B 140 1.39 -10.16 0.97
CA ARG B 140 1.37 -10.44 2.40
C ARG B 140 2.74 -10.16 3.02
N GLU B 141 3.77 -10.72 2.39
CA GLU B 141 5.17 -10.54 2.85
C GLU B 141 5.55 -9.08 2.86
N LEU B 142 5.15 -8.35 1.83
CA LEU B 142 5.42 -6.91 1.76
C LEU B 142 4.75 -6.16 2.87
N GLU B 143 3.51 -6.45 3.16
CA GLU B 143 2.81 -5.72 4.25
C GLU B 143 3.39 -6.04 5.57
N SER B 144 3.76 -7.30 5.75
CA SER B 144 4.34 -7.75 7.04
C SER B 144 5.73 -7.18 7.26
N LEU B 145 6.57 -7.27 6.24
CA LEU B 145 7.95 -6.74 6.43
C LEU B 145 8.02 -5.22 6.53
N LEU B 146 7.13 -4.58 5.81
CA LEU B 146 7.05 -3.15 5.86
C LEU B 146 6.61 -2.70 7.27
N GLU B 147 5.58 -3.33 7.82
CA GLU B 147 5.21 -3.00 9.22
C GLU B 147 6.32 -3.31 10.21
N TYR B 148 7.00 -4.42 9.99
CA TYR B 148 8.11 -4.77 10.83
C TYR B 148 9.22 -3.75 10.77
N ALA B 149 9.65 -3.33 9.60
CA ALA B 149 10.67 -2.26 9.54
C ALA B 149 10.19 -0.97 10.22
N ARG B 150 8.91 -0.63 10.02
CA ARG B 150 8.34 0.59 10.66
C ARG B 150 8.35 0.53 12.18
N SER B 151 8.22 -0.68 12.73
CA SER B 151 8.37 -0.88 14.19
C SER B 151 9.76 -0.53 14.79
N TYR B 152 10.79 -0.57 13.94
CA TYR B 152 12.13 -0.04 14.25
C TYR B 152 12.32 1.40 13.90
N GLY B 153 11.28 2.01 13.38
CA GLY B 153 11.37 3.40 12.97
C GLY B 153 11.96 3.63 11.61
N MET B 154 12.09 2.57 10.80
CA MET B 154 12.53 2.69 9.39
C MET B 154 11.34 2.96 8.42
N GLU B 155 11.61 3.65 7.34
CA GLU B 155 10.62 3.73 6.25
C GLU B 155 11.24 3.11 5.00
N PRO B 156 10.95 1.83 4.73
CA PRO B 156 11.64 1.14 3.62
C PRO B 156 11.34 1.76 2.25
N ALA B 157 12.29 1.69 1.32
CA ALA B 157 12.03 2.10 -0.08
C ALA B 157 11.47 0.87 -0.77
N ILE B 158 10.42 1.08 -1.57
CA ILE B 158 9.76 -0.07 -2.24
C ILE B 158 10.24 -0.04 -3.70
N VAL B 159 10.85 -1.15 -4.14
CA VAL B 159 11.57 -1.16 -5.41
C VAL B 159 10.64 -1.77 -6.47
N ILE B 160 10.44 -1.04 -7.58
CA ILE B 160 9.51 -1.48 -8.70
C ILE B 160 10.14 -1.26 -10.08
N ASN B 161 9.69 -2.05 -11.08
CA ASN B 161 10.19 -1.95 -12.45
C ASN B 161 9.00 -2.20 -13.42
N ASP B 162 7.81 -2.41 -12.91
CA ASP B 162 6.62 -2.55 -13.89
C ASP B 162 5.33 -2.10 -13.23
N GLU B 163 4.23 -2.06 -14.03
CA GLU B 163 2.96 -1.54 -13.52
C GLU B 163 2.38 -2.40 -12.44
N GLU B 164 2.47 -3.72 -12.59
CA GLU B 164 1.87 -4.63 -11.59
C GLU B 164 2.52 -4.37 -10.23
N ASP B 165 3.83 -4.18 -10.29
CA ASP B 165 4.53 -3.92 -9.04
C ASP B 165 4.26 -2.56 -8.40
N LEU B 166 4.10 -1.55 -9.26
CA LEU B 166 3.73 -0.21 -8.81
C LEU B 166 2.38 -0.29 -8.14
N ASP B 167 1.43 -1.00 -8.75
CA ASP B 167 0.14 -1.13 -8.09
C ASP B 167 0.25 -1.77 -6.69
N ILE B 168 1.08 -2.81 -6.52
CA ILE B 168 1.25 -3.39 -5.20
C ILE B 168 1.94 -2.36 -4.22
N ALA B 169 2.88 -1.58 -4.72
CA ALA B 169 3.59 -0.58 -3.88
C ALA B 169 2.55 0.43 -3.38
N LEU B 170 1.57 0.83 -4.23
CA LEU B 170 0.56 1.72 -3.71
C LEU B 170 -0.44 1.04 -2.77
N ARG B 171 -0.75 -0.20 -3.07
CA ARG B 171 -1.65 -0.97 -2.20
C ARG B 171 -1.13 -1.09 -0.76
N ILE B 172 0.19 -1.18 -0.63
CA ILE B 172 0.79 -1.37 0.69
C ILE B 172 1.08 -0.03 1.36
N GLY B 173 0.80 1.08 0.71
CA GLY B 173 1.01 2.39 1.29
C GLY B 173 2.50 2.84 1.36
N ALA B 174 3.28 2.66 0.30
CA ALA B 174 4.79 2.89 0.25
C ALA B 174 5.79 4.06 0.95
N ARG B 175 5.36 5.27 0.72
CA ARG B 175 5.90 6.55 1.02
C ARG B 175 7.14 6.90 0.28
N ILE B 176 7.94 5.92 -0.04
CA ILE B 176 9.05 6.15 -0.88
C ILE B 176 9.29 4.98 -1.83
N ILE B 177 9.45 5.25 -3.12
CA ILE B 177 9.63 4.24 -4.14
C ILE B 177 10.86 4.37 -5.00
N ILE B 178 11.54 3.27 -5.26
CA ILE B 178 12.65 3.30 -6.19
C ILE B 178 12.12 2.74 -7.53
N ILE B 179 12.15 3.56 -8.56
CA ILE B 179 11.73 3.11 -9.93
C ILE B 179 13.01 2.76 -10.67
N SER B 180 13.32 1.48 -10.76
CA SER B 180 14.57 1.10 -11.40
C SER B 180 14.30 0.89 -12.87
N SER B 181 15.16 1.43 -13.73
CA SER B 181 14.97 1.16 -15.21
C SER B 181 15.57 -0.17 -15.63
N ARG B 182 16.30 -0.84 -14.71
CA ARG B 182 16.90 -2.15 -15.01
C ARG B 182 16.04 -3.33 -14.52
N ASP B 183 15.52 -4.13 -15.48
CA ASP B 183 14.77 -5.34 -15.12
C ASP B 183 15.73 -6.31 -14.46
N LEU B 184 15.43 -6.74 -13.22
CA LEU B 184 16.28 -7.68 -12.51
C LEU B 184 16.55 -9.01 -13.22
N GLU B 185 15.58 -9.48 -13.98
CA GLU B 185 15.73 -10.79 -14.67
C GLU B 185 16.40 -10.69 -16.02
N THR B 186 16.04 -9.70 -16.82
CA THR B 186 16.59 -9.59 -18.18
C THR B 186 17.82 -8.68 -18.31
N LEU B 187 18.00 -7.81 -17.32
CA LEU B 187 19.01 -6.74 -17.27
C LEU B 187 18.77 -5.69 -18.34
N GLU B 188 17.58 -5.71 -18.95
CA GLU B 188 17.24 -4.67 -19.94
C GLU B 188 17.02 -3.30 -19.29
N ILE B 189 17.58 -2.25 -19.88
CA ILE B 189 17.34 -0.89 -19.42
C ILE B 189 16.25 -0.30 -20.29
N ASN B 190 15.09 0.05 -19.71
CA ASN B 190 14.01 0.66 -20.51
C ASN B 190 13.58 1.95 -19.83
N LYS B 191 14.10 3.06 -20.34
CA LYS B 191 13.79 4.37 -19.79
C LYS B 191 12.40 4.92 -20.09
N GLU B 192 11.86 4.56 -21.26
CA GLU B 192 10.45 4.84 -21.55
C GLU B 192 9.55 4.26 -20.46
N ASN B 193 9.74 2.99 -20.15
CA ASN B 193 8.90 2.36 -19.14
C ASN B 193 9.09 3.02 -17.76
N GLN B 194 10.33 3.41 -17.46
CA GLN B 194 10.65 4.04 -16.14
C GLN B 194 9.91 5.38 -16.04
N ARG B 195 9.97 6.22 -17.10
CA ARG B 195 9.23 7.47 -17.13
C ARG B 195 7.72 7.25 -17.05
N LYS B 196 7.22 6.20 -17.69
CA LYS B 196 5.78 5.91 -17.57
C LYS B 196 5.36 5.65 -16.11
N LEU B 197 6.14 4.80 -15.43
CA LEU B 197 5.90 4.48 -14.03
C LEU B 197 5.95 5.72 -13.11
N ILE B 198 6.97 6.54 -13.32
CA ILE B 198 7.11 7.80 -12.58
C ILE B 198 5.86 8.65 -12.69
N SER B 199 5.30 8.76 -13.92
CA SER B 199 4.08 9.55 -14.19
C SER B 199 2.83 9.06 -13.44
N MET B 200 2.87 7.82 -12.95
CA MET B 200 1.74 7.21 -12.31
C MET B 200 1.81 7.20 -10.80
N ILE B 201 2.83 7.84 -10.22
CA ILE B 201 3.08 7.80 -8.75
C ILE B 201 2.49 9.06 -8.21
N PRO B 202 1.72 8.99 -7.12
CA PRO B 202 1.10 10.16 -6.50
C PRO B 202 2.15 11.18 -6.05
N SER B 203 1.78 12.46 -5.97
CA SER B 203 2.74 13.53 -5.60
CA SER B 203 2.75 13.52 -5.60
C SER B 203 3.35 13.37 -4.22
N ASN B 204 2.63 12.73 -3.30
CA ASN B 204 3.19 12.64 -1.94
C ASN B 204 4.10 11.42 -1.66
N VAL B 205 4.41 10.65 -2.71
CA VAL B 205 5.32 9.55 -2.59
C VAL B 205 6.67 10.07 -3.11
N VAL B 206 7.71 9.93 -2.31
CA VAL B 206 9.03 10.32 -2.79
C VAL B 206 9.50 9.32 -3.87
N LYS B 207 9.97 9.85 -5.00
CA LYS B 207 10.36 9.05 -6.17
C LYS B 207 11.84 9.06 -6.38
N VAL B 208 12.44 7.88 -6.38
CA VAL B 208 13.87 7.76 -6.67
C VAL B 208 14.07 7.03 -8.00
N ALA B 209 14.74 7.66 -8.96
CA ALA B 209 14.99 7.00 -10.25
C ALA B 209 16.28 6.27 -10.11
N ALA B 210 16.31 4.99 -10.49
CA ALA B 210 17.54 4.19 -10.36
C ALA B 210 17.93 3.60 -11.72
N SER B 211 19.24 3.46 -11.97
CA SER B 211 19.87 2.73 -13.10
C SER B 211 19.79 3.54 -14.39
N GLY B 212 20.83 3.40 -15.19
CA GLY B 212 20.91 4.08 -16.49
C GLY B 212 21.18 5.57 -16.47
N ILE B 213 21.53 6.11 -15.30
CA ILE B 213 21.73 7.55 -15.20
C ILE B 213 23.22 7.85 -15.31
N SER B 214 23.60 8.65 -16.31
CA SER B 214 25.03 8.97 -16.48
C SER B 214 25.34 10.45 -16.76
N GLU B 215 24.31 11.28 -16.95
CA GLU B 215 24.53 12.66 -17.41
C GLU B 215 23.69 13.62 -16.62
N ARG B 216 24.25 14.81 -16.38
CA ARG B 216 23.52 15.89 -15.77
C ARG B 216 22.19 16.21 -16.55
N ASN B 217 22.23 16.18 -17.89
CA ASN B 217 21.00 16.49 -18.64
C ASN B 217 19.89 15.48 -18.31
N GLU B 218 20.23 14.20 -18.05
CA GLU B 218 19.21 13.21 -17.71
C GLU B 218 18.60 13.58 -16.37
N ILE B 219 19.43 13.98 -15.41
CA ILE B 219 18.93 14.28 -14.09
C ILE B 219 17.97 15.47 -14.17
N GLU B 220 18.34 16.49 -14.94
CA GLU B 220 17.50 17.68 -15.16
C GLU B 220 16.15 17.31 -15.74
N GLU B 221 16.16 16.44 -16.74
CA GLU B 221 14.89 16.04 -17.41
C GLU B 221 14.00 15.27 -16.44
N LEU B 222 14.58 14.33 -15.70
CA LEU B 222 13.84 13.55 -14.73
C LEU B 222 13.35 14.38 -13.57
N ARG B 223 14.16 15.31 -13.07
CA ARG B 223 13.67 16.22 -12.04
C ARG B 223 12.41 16.96 -12.50
N LYS B 224 12.39 17.42 -13.76
CA LYS B 224 11.22 18.12 -14.28
C LYS B 224 9.95 17.23 -14.32
N LEU B 225 10.15 15.93 -14.46
CA LEU B 225 9.06 14.91 -14.44
C LEU B 225 8.61 14.56 -13.02
N GLY B 226 9.28 15.15 -12.01
CA GLY B 226 8.89 14.96 -10.63
C GLY B 226 9.76 13.99 -9.83
N VAL B 227 10.83 13.48 -10.43
CA VAL B 227 11.74 12.59 -9.71
C VAL B 227 12.48 13.41 -8.59
N ASN B 228 12.56 12.84 -7.39
CA ASN B 228 13.12 13.55 -6.26
C ASN B 228 14.61 13.31 -6.02
N ALA B 229 15.10 12.12 -6.36
CA ALA B 229 16.48 11.72 -6.11
C ALA B 229 16.84 10.68 -7.12
N PHE B 230 18.14 10.48 -7.26
CA PHE B 230 18.73 9.74 -8.38
C PHE B 230 19.74 8.75 -7.87
N GLU B 231 19.47 7.46 -8.08
CA GLU B 231 20.36 6.45 -7.57
C GLU B 231 21.36 6.07 -8.66
N ILE B 232 22.65 6.14 -8.33
CA ILE B 232 23.73 5.89 -9.23
C ILE B 232 24.84 4.98 -8.58
N GLY B 233 25.19 3.91 -9.29
CA GLY B 233 26.06 2.87 -8.80
C GLY B 233 27.35 2.73 -9.56
N SER B 234 27.33 1.97 -10.66
CA SER B 234 28.59 1.55 -11.24
C SER B 234 29.49 2.73 -11.71
N SER B 235 28.90 3.80 -12.23
CA SER B 235 29.73 4.85 -12.76
C SER B 235 30.48 5.51 -11.58
N LEU B 236 29.84 5.55 -10.42
CA LEU B 236 30.48 6.13 -9.19
C LEU B 236 31.51 5.18 -8.54
N MET B 237 31.25 3.89 -8.52
CA MET B 237 32.25 2.89 -8.16
C MET B 237 33.52 2.98 -8.96
N ARG B 238 33.42 3.35 -10.24
CA ARG B 238 34.63 3.40 -11.05
C ARG B 238 35.25 4.78 -11.01
N ASN B 239 34.45 5.80 -10.75
CA ASN B 239 34.93 7.21 -10.80
C ASN B 239 34.15 8.05 -9.81
N PRO B 240 34.44 7.87 -8.49
CA PRO B 240 33.60 8.40 -7.43
C PRO B 240 33.40 9.92 -7.61
N GLU B 241 34.44 10.60 -8.07
CA GLU B 241 34.43 12.04 -8.20
C GLU B 241 33.51 12.57 -9.32
N LYS B 242 32.97 11.67 -10.18
CA LYS B 242 31.94 12.06 -11.14
C LYS B 242 30.74 12.66 -10.42
N ILE B 243 30.53 12.29 -9.17
CA ILE B 243 29.37 12.86 -8.46
C ILE B 243 29.42 14.40 -8.45
N LYS B 244 30.62 15.00 -8.40
CA LYS B 244 30.69 16.46 -8.42
C LYS B 244 30.15 17.12 -9.67
N GLU B 245 30.41 16.54 -10.84
CA GLU B 245 29.78 17.03 -12.06
C GLU B 245 28.23 16.85 -12.06
N LEU B 246 27.75 15.77 -11.47
CA LEU B 246 26.35 15.41 -11.56
C LEU B 246 25.48 16.30 -10.74
N ILE B 247 26.04 16.84 -9.64
CA ILE B 247 25.23 17.72 -8.78
C ILE B 247 25.25 19.21 -9.15
N LEU B 248 26.00 19.63 -10.17
CA LEU B 248 26.04 21.05 -10.60
C LEU B 248 24.70 21.77 -10.83
#